data_6WFQ
#
_entry.id   6WFQ
#
_cell.length_a   1.00
_cell.length_b   1.00
_cell.length_c   1.00
_cell.angle_alpha   90.00
_cell.angle_beta   90.00
_cell.angle_gamma   90.00
#
_symmetry.space_group_name_H-M   'P 1'
#
loop_
_entity.id
_entity.type
_entity.pdbx_description
1 polymer 'HTH-type transcriptional repressor NanR'
2 polymer "DNA (5'-D(P*GP*GP*TP*AP*TP*AP*AP*CP*AP*GP*GP*TP*AP*TP*A)-3')"
3 polymer "DNA (5'-D(P*TP*AP*TP*AP*CP*CP*TP*GP*TP*TP*AP*TP*AP*CP*C)-3')"
#
loop_
_entity_poly.entity_id
_entity_poly.type
_entity_poly.pdbx_seq_one_letter_code
_entity_poly.pdbx_strand_id
1 'polypeptide(L)'
;MGLMNAFDSQTEDSSPAIGRNLRSRPLARKKLSEMVEEELEQMIRRREFGEGEQLPSERELMAFFNVGRPSVREALAALK
RKGLVQINNGERARVSRPSADTIIGELSGMAKDFLSHPGGIAHFEQLRLFFESSLVRYAAEHATDEQIDLLAKALEINSQ
SLDNNAAFIRSDVDFHRVLAEIPGNPIFMAIHVALLDWLIAARPTVTDQALHEHNNVSYQQHIAIVDAIRRHDPDEADRA
LQSHLNSVSATWHAFGQTTNKKK
;
C,D
2 'polydeoxyribonucleotide' (DG)(DG)(DT)(DA)(DT)(DA)(DA)(DC)(DA)(DG)(DG)(DT)(DA)(DT)(DA) A
3 'polydeoxyribonucleotide' (DT)(DA)(DT)(DA)(DC)(DC)(DT)(DG)(DT)(DT)(DA)(DT)(DA)(DC)(DC) B
#
# COMPACT_ATOMS: atom_id res chain seq x y z
N ASN A 21 28.34 24.26 -12.21
CA ASN A 21 28.25 22.86 -11.80
C ASN A 21 29.62 22.32 -11.43
N LEU A 22 30.59 23.22 -11.28
CA LEU A 22 31.98 22.92 -10.91
C LEU A 22 32.68 22.02 -11.91
N ARG A 23 32.10 21.82 -13.11
CA ARG A 23 32.71 20.98 -14.12
C ARG A 23 32.67 21.59 -15.52
N SER A 24 32.09 22.78 -15.69
CA SER A 24 32.03 23.47 -16.98
C SER A 24 31.31 22.60 -18.02
N ARG A 25 30.04 22.30 -17.73
CA ARG A 25 29.19 21.53 -18.63
C ARG A 25 27.82 22.21 -18.70
N PRO A 26 27.50 22.87 -19.82
CA PRO A 26 26.22 23.59 -19.91
C PRO A 26 25.02 22.67 -19.85
N LEU A 27 24.92 21.74 -20.81
CA LEU A 27 23.80 20.82 -20.91
C LEU A 27 22.46 21.56 -20.93
N ALA A 28 22.38 22.57 -21.80
CA ALA A 28 21.18 23.40 -21.86
C ALA A 28 20.03 22.65 -22.53
N ARG A 29 20.24 22.13 -23.74
CA ARG A 29 19.19 21.44 -24.46
C ARG A 29 18.77 20.15 -23.78
N LYS A 30 19.69 19.49 -23.07
CA LYS A 30 19.40 18.22 -22.40
C LYS A 30 18.90 18.40 -20.98
N LYS A 31 18.35 19.58 -20.65
CA LYS A 31 17.76 19.87 -19.35
C LYS A 31 18.82 19.77 -18.24
N LEU A 32 19.44 20.92 -17.97
CA LEU A 32 20.50 20.99 -16.96
C LEU A 32 19.96 20.76 -15.55
N SER A 33 18.64 20.83 -15.36
CA SER A 33 18.07 20.56 -14.04
C SER A 33 18.31 19.11 -13.64
N GLU A 34 18.30 18.19 -14.61
CA GLU A 34 18.63 16.81 -14.32
C GLU A 34 20.05 16.67 -13.80
N MET A 35 20.98 17.45 -14.36
CA MET A 35 22.37 17.38 -13.91
C MET A 35 22.48 17.79 -12.44
N VAL A 36 21.88 18.92 -12.06
CA VAL A 36 22.01 19.38 -10.69
C VAL A 36 21.24 18.47 -9.74
N GLU A 37 20.11 17.91 -10.17
CA GLU A 37 19.36 17.04 -9.27
C GLU A 37 20.10 15.71 -9.06
N GLU A 38 20.75 15.17 -10.11
CA GLU A 38 21.52 13.96 -9.91
C GLU A 38 22.79 14.23 -9.13
N GLU A 39 23.37 15.42 -9.27
CA GLU A 39 24.51 15.79 -8.44
C GLU A 39 24.11 15.86 -6.97
N LEU A 40 22.96 16.45 -6.67
CA LEU A 40 22.46 16.48 -5.30
C LEU A 40 22.18 15.07 -4.79
N GLU A 41 21.60 14.22 -5.63
CA GLU A 41 21.34 12.84 -5.23
C GLU A 41 22.63 12.12 -4.89
N GLN A 42 23.66 12.28 -5.72
CA GLN A 42 24.94 11.64 -5.46
C GLN A 42 25.59 12.19 -4.19
N MET A 43 25.52 13.51 -3.98
CA MET A 43 26.09 14.10 -2.78
C MET A 43 25.38 13.60 -1.53
N ILE A 44 24.07 13.37 -1.62
CA ILE A 44 23.34 12.84 -0.47
C ILE A 44 23.69 11.37 -0.25
N ARG A 45 23.81 10.59 -1.33
CA ARG A 45 24.15 9.18 -1.20
C ARG A 45 25.60 8.97 -0.78
N ARG A 46 26.45 9.98 -0.89
CA ARG A 46 27.84 9.86 -0.48
C ARG A 46 28.02 9.96 1.03
N ARG A 47 26.93 10.04 1.80
CA ARG A 47 26.98 10.09 3.26
C ARG A 47 27.78 11.30 3.74
N GLU A 48 27.62 12.43 3.05
CA GLU A 48 28.30 13.66 3.41
C GLU A 48 27.41 14.62 4.19
N PHE A 49 26.17 14.24 4.48
CA PHE A 49 25.24 15.07 5.23
C PHE A 49 24.60 14.25 6.34
N GLY A 50 24.01 14.94 7.30
CA GLY A 50 23.35 14.29 8.41
C GLY A 50 21.93 13.86 8.11
N GLU A 51 21.01 14.12 9.05
CA GLU A 51 19.62 13.76 8.88
C GLU A 51 18.68 14.94 9.08
N GLY A 52 19.20 16.16 9.16
CA GLY A 52 18.37 17.33 9.36
C GLY A 52 18.59 18.42 8.33
N GLU A 53 18.76 19.66 8.80
CA GLU A 53 18.96 20.81 7.94
C GLU A 53 20.43 21.08 7.64
N GLN A 54 21.27 20.05 7.60
CA GLN A 54 22.69 20.24 7.35
C GLN A 54 22.95 20.82 5.97
N LEU A 55 22.04 20.64 5.01
CA LEU A 55 22.22 21.21 3.69
C LEU A 55 22.00 22.72 3.75
N PRO A 56 22.77 23.50 2.97
CA PRO A 56 22.63 24.96 3.03
C PRO A 56 21.32 25.47 2.47
N SER A 57 21.14 26.78 2.47
CA SER A 57 19.90 27.40 2.00
C SER A 57 19.88 27.43 0.47
N GLU A 58 18.88 28.09 -0.10
CA GLU A 58 18.74 28.15 -1.55
C GLU A 58 19.79 29.06 -2.17
N ARG A 59 20.02 30.23 -1.56
CA ARG A 59 20.98 31.18 -2.12
C ARG A 59 22.41 30.65 -2.05
N GLU A 60 22.74 29.92 -0.98
CA GLU A 60 24.10 29.39 -0.84
C GLU A 60 24.41 28.39 -1.95
N LEU A 61 23.53 27.41 -2.15
CA LEU A 61 23.73 26.44 -3.22
C LEU A 61 23.68 27.09 -4.60
N MET A 62 22.82 28.10 -4.77
CA MET A 62 22.75 28.81 -6.04
C MET A 62 24.08 29.49 -6.35
N ALA A 63 24.65 30.18 -5.36
CA ALA A 63 25.94 30.85 -5.58
C ALA A 63 27.07 29.84 -5.73
N PHE A 64 26.97 28.67 -5.09
CA PHE A 64 28.01 27.67 -5.20
C PHE A 64 27.99 26.99 -6.56
N PHE A 65 26.81 26.80 -7.15
CA PHE A 65 26.68 26.13 -8.44
C PHE A 65 26.63 27.09 -9.62
N ASN A 66 26.54 28.40 -9.37
CA ASN A 66 26.51 29.41 -10.44
C ASN A 66 25.35 29.16 -11.40
N VAL A 67 24.18 28.86 -10.82
CA VAL A 67 22.97 28.57 -11.58
C VAL A 67 21.89 29.53 -11.14
N GLY A 68 20.65 29.24 -11.55
CA GLY A 68 19.53 30.08 -11.20
C GLY A 68 18.88 29.67 -9.90
N ARG A 69 18.09 30.60 -9.36
CA ARG A 69 17.38 30.37 -8.10
C ARG A 69 16.15 29.49 -8.30
N PRO A 70 15.30 29.73 -9.31
CA PRO A 70 14.14 28.83 -9.50
C PRO A 70 14.54 27.40 -9.83
N SER A 71 15.71 27.19 -10.43
CA SER A 71 16.15 25.84 -10.75
C SER A 71 16.37 25.01 -9.49
N VAL A 72 17.03 25.59 -8.49
CA VAL A 72 17.24 24.89 -7.23
C VAL A 72 15.92 24.65 -6.52
N ARG A 73 14.99 25.61 -6.63
CA ARG A 73 13.67 25.41 -6.04
C ARG A 73 12.94 24.24 -6.67
N GLU A 74 12.97 24.15 -8.01
CA GLU A 74 12.34 23.03 -8.69
C GLU A 74 13.02 21.72 -8.35
N ALA A 75 14.34 21.74 -8.20
CA ALA A 75 15.08 20.54 -7.85
C ALA A 75 14.63 19.98 -6.51
N LEU A 76 14.61 20.85 -5.49
CA LEU A 76 14.20 20.46 -4.15
C LEU A 76 12.75 19.98 -4.14
N ALA A 77 11.89 20.68 -4.88
CA ALA A 77 10.49 20.32 -4.96
C ALA A 77 10.34 18.92 -5.57
N ALA A 78 11.10 18.65 -6.61
CA ALA A 78 11.06 17.34 -7.25
C ALA A 78 11.60 16.29 -6.29
N LEU A 79 12.64 16.66 -5.55
CA LEU A 79 13.26 15.75 -4.59
C LEU A 79 12.27 15.37 -3.50
N LYS A 80 11.48 16.33 -3.04
CA LYS A 80 10.48 16.09 -2.01
C LYS A 80 9.45 15.09 -2.51
N ARG A 81 9.04 15.25 -3.77
CA ARG A 81 8.07 14.35 -4.37
C ARG A 81 8.65 12.94 -4.45
N LYS A 82 9.93 12.86 -4.82
CA LYS A 82 10.61 11.57 -4.92
C LYS A 82 10.71 10.93 -3.54
N GLY A 83 10.58 11.76 -2.52
CA GLY A 83 10.65 11.31 -1.14
C GLY A 83 12.07 11.28 -0.60
N LEU A 84 12.68 12.45 -0.47
CA LEU A 84 14.04 12.53 0.06
C LEU A 84 14.23 13.61 1.10
N VAL A 85 13.54 14.74 0.99
CA VAL A 85 13.64 15.84 1.93
C VAL A 85 12.23 16.23 2.38
N GLN A 86 12.17 17.25 3.24
CA GLN A 86 10.88 17.73 3.75
C GLN A 86 11.05 19.19 4.16
N ILE A 87 10.10 20.02 3.74
CA ILE A 87 10.13 21.45 4.05
C ILE A 87 8.75 21.87 4.54
N ASN A 88 8.70 22.90 5.38
CA ASN A 88 7.45 23.43 5.91
C ASN A 88 7.32 24.93 5.66
N ASN A 89 7.94 25.76 6.50
CA ASN A 89 7.87 27.21 6.33
C ASN A 89 9.04 27.84 7.08
N GLY A 90 9.91 28.52 6.33
CA GLY A 90 11.03 29.19 6.96
C GLY A 90 12.03 28.26 7.60
N GLU A 91 12.39 27.18 6.91
CA GLU A 91 13.33 26.21 7.43
C GLU A 91 13.95 25.44 6.27
N ARG A 92 15.23 25.09 6.42
CA ARG A 92 15.92 24.33 5.38
C ARG A 92 15.34 22.93 5.26
N ALA A 93 15.75 22.23 4.20
CA ALA A 93 15.24 20.90 3.94
C ALA A 93 15.83 19.89 4.91
N ARG A 94 14.98 18.97 5.38
CA ARG A 94 15.39 17.90 6.30
C ARG A 94 15.41 16.60 5.51
N VAL A 95 16.60 16.07 5.27
CA VAL A 95 16.73 14.83 4.52
C VAL A 95 16.25 13.66 5.38
N SER A 96 15.51 12.75 4.76
CA SER A 96 14.96 11.59 5.45
C SER A 96 14.84 10.44 4.45
N ARG A 97 14.11 9.41 4.85
CA ARG A 97 13.90 8.24 4.00
C ARG A 97 12.41 8.06 3.72
N PRO A 98 12.06 7.59 2.52
CA PRO A 98 10.64 7.38 2.20
C PRO A 98 10.02 6.23 2.98
N SER A 99 9.17 6.56 3.95
CA SER A 99 8.55 5.54 4.77
C SER A 99 7.32 4.96 4.07
N ALA A 100 6.54 4.18 4.82
CA ALA A 100 5.35 3.56 4.24
C ALA A 100 4.28 4.59 3.90
N ASP A 101 4.21 5.69 4.65
CA ASP A 101 3.23 6.72 4.36
C ASP A 101 3.52 7.42 3.03
N THR A 102 4.80 7.52 2.66
CA THR A 102 5.14 8.14 1.38
C THR A 102 4.63 7.31 0.21
N ILE A 103 4.67 5.98 0.33
CA ILE A 103 4.16 5.12 -0.73
C ILE A 103 2.66 5.31 -0.88
N ILE A 104 1.94 5.38 0.25
CA ILE A 104 0.49 5.58 0.18
C ILE A 104 0.17 6.96 -0.39
N GLY A 105 0.97 7.97 -0.05
CA GLY A 105 0.76 9.29 -0.62
C GLY A 105 0.99 9.33 -2.12
N GLU A 106 2.04 8.64 -2.58
CA GLU A 106 2.30 8.58 -4.01
C GLU A 106 1.25 7.75 -4.75
N LEU A 107 0.64 6.79 -4.05
CA LEU A 107 -0.41 5.97 -4.64
C LEU A 107 -1.74 6.73 -4.58
N SER A 108 -2.84 5.99 -4.42
CA SER A 108 -4.21 6.51 -4.33
C SER A 108 -4.64 7.26 -5.58
N GLY A 109 -3.87 7.22 -6.67
CA GLY A 109 -4.28 7.89 -7.88
C GLY A 109 -5.33 7.13 -8.66
N MET A 110 -5.31 5.80 -8.59
CA MET A 110 -6.29 4.97 -9.26
C MET A 110 -7.43 4.54 -8.34
N ALA A 111 -7.42 5.00 -7.08
CA ALA A 111 -8.49 4.63 -6.16
C ALA A 111 -9.82 5.27 -6.56
N LYS A 112 -9.78 6.38 -7.30
CA LYS A 112 -11.02 7.02 -7.73
C LYS A 112 -11.75 6.18 -8.79
N ASP A 113 -11.00 5.44 -9.60
CA ASP A 113 -11.63 4.59 -10.61
C ASP A 113 -12.43 3.47 -9.95
N PHE A 114 -11.90 2.91 -8.85
CA PHE A 114 -12.58 1.81 -8.18
C PHE A 114 -13.92 2.27 -7.61
N LEU A 115 -13.96 3.46 -7.00
CA LEU A 115 -15.22 3.99 -6.51
C LEU A 115 -16.09 4.56 -7.63
N SER A 116 -15.51 4.79 -8.81
CA SER A 116 -16.30 5.26 -9.95
C SER A 116 -17.07 4.12 -10.59
N HIS A 117 -16.40 3.02 -10.92
CA HIS A 117 -17.09 1.89 -11.51
C HIS A 117 -17.83 1.11 -10.42
N PRO A 118 -18.95 0.46 -10.77
CA PRO A 118 -19.82 -0.11 -9.73
C PRO A 118 -19.13 -1.12 -8.82
N GLY A 119 -18.22 -1.94 -9.35
CA GLY A 119 -17.53 -2.91 -8.55
C GLY A 119 -16.50 -2.27 -7.62
N GLY A 120 -15.72 -3.12 -6.99
CA GLY A 120 -14.64 -2.66 -6.13
C GLY A 120 -15.09 -2.33 -4.71
N ILE A 121 -16.34 -1.89 -4.56
CA ILE A 121 -16.84 -1.55 -3.22
C ILE A 121 -16.87 -2.80 -2.34
N ALA A 122 -17.28 -3.94 -2.90
CA ALA A 122 -17.24 -5.18 -2.14
C ALA A 122 -15.82 -5.73 -2.03
N HIS A 123 -14.96 -5.40 -2.99
CA HIS A 123 -13.58 -5.87 -2.92
C HIS A 123 -12.83 -5.22 -1.78
N PHE A 124 -13.01 -3.90 -1.59
CA PHE A 124 -12.39 -3.23 -0.45
C PHE A 124 -12.92 -3.78 0.87
N GLU A 125 -14.23 -4.07 0.93
CA GLU A 125 -14.81 -4.65 2.14
C GLU A 125 -14.20 -6.02 2.42
N GLN A 126 -14.04 -6.84 1.39
CA GLN A 126 -13.45 -8.16 1.58
C GLN A 126 -11.98 -8.05 2.02
N LEU A 127 -11.24 -7.09 1.46
CA LEU A 127 -9.85 -6.90 1.86
C LEU A 127 -9.77 -6.46 3.31
N ARG A 128 -10.63 -5.52 3.72
CA ARG A 128 -10.64 -5.07 5.11
C ARG A 128 -11.03 -6.21 6.04
N LEU A 129 -11.99 -7.05 5.63
CA LEU A 129 -12.40 -8.18 6.46
C LEU A 129 -11.26 -9.17 6.63
N PHE A 130 -10.56 -9.48 5.53
CA PHE A 130 -9.42 -10.39 5.62
C PHE A 130 -8.33 -9.82 6.53
N PHE A 131 -8.04 -8.52 6.39
CA PHE A 131 -7.01 -7.90 7.22
C PHE A 131 -7.38 -7.94 8.69
N GLU A 132 -8.63 -7.58 9.02
CA GLU A 132 -9.04 -7.55 10.42
C GLU A 132 -9.10 -8.95 11.00
N SER A 133 -9.53 -9.94 10.20
CA SER A 133 -9.54 -11.32 10.69
C SER A 133 -8.13 -11.81 10.96
N SER A 134 -7.19 -11.52 10.06
CA SER A 134 -5.81 -11.94 10.28
C SER A 134 -5.22 -11.28 11.52
N LEU A 135 -5.47 -9.97 11.71
CA LEU A 135 -4.89 -9.29 12.84
C LEU A 135 -5.52 -9.75 14.15
N VAL A 136 -6.83 -10.01 14.16
CA VAL A 136 -7.46 -10.49 15.40
C VAL A 136 -7.02 -11.92 15.71
N ARG A 137 -6.77 -12.73 14.67
CA ARG A 137 -6.23 -14.07 14.92
C ARG A 137 -4.83 -13.99 15.51
N TYR A 138 -3.99 -13.10 14.96
CA TYR A 138 -2.65 -12.94 15.52
C TYR A 138 -2.70 -12.43 16.94
N ALA A 139 -3.63 -11.52 17.23
CA ALA A 139 -3.74 -10.98 18.59
C ALA A 139 -4.23 -12.05 19.57
N ALA A 140 -5.17 -12.90 19.15
CA ALA A 140 -5.66 -13.95 20.03
C ALA A 140 -4.61 -15.05 20.22
N GLU A 141 -3.76 -15.28 19.22
CA GLU A 141 -2.76 -16.33 19.35
C GLU A 141 -1.56 -15.86 20.17
N HIS A 142 -1.07 -14.65 19.91
CA HIS A 142 0.01 -14.04 20.69
C HIS A 142 -0.51 -13.16 21.81
N ALA A 143 -1.55 -13.60 22.52
CA ALA A 143 -2.10 -12.81 23.61
C ALA A 143 -1.19 -12.89 24.83
N THR A 144 -0.58 -11.76 25.19
CA THR A 144 0.29 -11.70 26.35
C THR A 144 -0.51 -11.21 27.56
N ASP A 145 0.18 -10.96 28.67
CA ASP A 145 -0.45 -10.51 29.91
C ASP A 145 -0.40 -8.99 30.08
N GLU A 146 -0.01 -8.26 29.05
CA GLU A 146 0.09 -6.81 29.12
C GLU A 146 -0.87 -6.11 28.17
N GLN A 147 -1.10 -6.66 26.98
CA GLN A 147 -2.02 -6.05 26.03
C GLN A 147 -3.47 -6.12 26.49
N ILE A 148 -3.77 -6.97 27.48
CA ILE A 148 -5.14 -7.08 27.97
C ILE A 148 -5.60 -5.79 28.62
N ASP A 149 -4.69 -5.07 29.27
CA ASP A 149 -5.05 -3.81 29.89
C ASP A 149 -5.41 -2.76 28.85
N LEU A 150 -4.75 -2.78 27.70
CA LEU A 150 -5.07 -1.82 26.64
C LEU A 150 -6.49 -2.00 26.14
N LEU A 151 -6.85 -3.23 25.76
CA LEU A 151 -8.21 -3.49 25.31
C LEU A 151 -9.22 -3.28 26.43
N ALA A 152 -8.82 -3.55 27.67
CA ALA A 152 -9.72 -3.35 28.80
C ALA A 152 -10.08 -1.88 28.96
N LYS A 153 -9.05 -1.01 28.99
CA LYS A 153 -9.33 0.42 29.11
C LYS A 153 -10.03 0.95 27.86
N ALA A 154 -9.77 0.36 26.70
CA ALA A 154 -10.47 0.77 25.48
C ALA A 154 -11.97 0.48 25.60
N LEU A 155 -12.32 -0.75 25.96
CA LEU A 155 -13.73 -1.09 26.10
C LEU A 155 -14.37 -0.36 27.28
N GLU A 156 -13.57 0.03 28.28
CA GLU A 156 -14.12 0.80 29.39
C GLU A 156 -14.46 2.23 28.96
N ILE A 157 -13.53 2.90 28.27
CA ILE A 157 -13.80 4.25 27.80
C ILE A 157 -14.81 4.26 26.67
N ASN A 158 -15.03 3.12 26.02
CA ASN A 158 -16.05 3.01 24.98
C ASN A 158 -17.32 2.33 25.48
N SER A 159 -17.53 2.29 26.79
CA SER A 159 -18.71 1.65 27.38
C SER A 159 -19.80 2.64 27.76
N GLN A 160 -19.42 3.79 28.32
CA GLN A 160 -20.42 4.76 28.76
C GLN A 160 -21.16 5.36 27.57
N SER A 161 -22.40 5.77 27.82
CA SER A 161 -23.26 6.37 26.80
C SER A 161 -23.45 7.85 27.18
N LEU A 162 -22.53 8.69 26.71
CA LEU A 162 -22.57 10.12 27.00
C LEU A 162 -22.84 10.97 25.76
N ASP A 163 -22.31 10.58 24.60
CA ASP A 163 -22.51 11.33 23.36
C ASP A 163 -22.82 10.33 22.26
N ASN A 164 -24.09 10.27 21.85
CA ASN A 164 -24.52 9.35 20.80
C ASN A 164 -24.28 9.89 19.40
N ASN A 165 -23.52 10.97 19.25
CA ASN A 165 -23.25 11.55 17.95
C ASN A 165 -22.00 10.91 17.34
N ALA A 166 -21.08 11.76 16.89
CA ALA A 166 -19.86 11.27 16.25
C ALA A 166 -18.80 10.84 17.26
N ALA A 167 -19.02 11.07 18.56
CA ALA A 167 -18.04 10.66 19.55
C ALA A 167 -17.91 9.14 19.62
N PHE A 168 -19.03 8.43 19.49
CA PHE A 168 -18.97 6.97 19.49
C PHE A 168 -18.26 6.44 18.25
N ILE A 169 -18.40 7.12 17.11
CA ILE A 169 -17.71 6.68 15.89
C ILE A 169 -16.21 6.82 16.06
N ARG A 170 -15.75 7.96 16.59
CA ARG A 170 -14.31 8.13 16.79
C ARG A 170 -13.80 7.21 17.89
N SER A 171 -14.62 6.91 18.89
CA SER A 171 -14.22 5.93 19.89
C SER A 171 -14.04 4.55 19.27
N ASP A 172 -14.95 4.18 18.37
CA ASP A 172 -14.84 2.88 17.71
C ASP A 172 -13.62 2.82 16.81
N VAL A 173 -13.33 3.90 16.08
CA VAL A 173 -12.15 3.86 15.21
C VAL A 173 -10.87 3.88 16.04
N ASP A 174 -10.88 4.54 17.21
CA ASP A 174 -9.72 4.49 18.08
C ASP A 174 -9.54 3.09 18.67
N PHE A 175 -10.63 2.41 18.99
CA PHE A 175 -10.54 1.02 19.44
C PHE A 175 -9.97 0.13 18.33
N HIS A 176 -10.43 0.33 17.10
CA HIS A 176 -9.88 -0.44 15.98
C HIS A 176 -8.40 -0.15 15.79
N ARG A 177 -7.99 1.11 15.96
CA ARG A 177 -6.58 1.46 15.81
C ARG A 177 -5.74 0.81 16.89
N VAL A 178 -6.19 0.87 18.15
CA VAL A 178 -5.41 0.28 19.23
C VAL A 178 -5.42 -1.25 19.13
N LEU A 179 -6.44 -1.83 18.49
CA LEU A 179 -6.42 -3.26 18.22
C LEU A 179 -5.42 -3.60 17.14
N ALA A 180 -5.33 -2.76 16.10
CA ALA A 180 -4.36 -2.99 15.03
C ALA A 180 -2.94 -2.69 15.47
N GLU A 181 -2.76 -1.93 16.54
CA GLU A 181 -1.42 -1.61 17.05
C GLU A 181 -0.83 -2.71 17.92
N ILE A 182 -1.51 -3.84 18.05
CA ILE A 182 -1.03 -4.94 18.90
C ILE A 182 0.20 -5.61 18.29
N PRO A 183 0.23 -5.94 16.99
CA PRO A 183 1.45 -6.55 16.43
C PRO A 183 2.68 -5.66 16.54
N GLY A 184 2.54 -4.38 16.20
CA GLY A 184 3.67 -3.47 16.27
C GLY A 184 4.46 -3.38 14.98
N ASN A 185 3.78 -3.13 13.87
CA ASN A 185 4.40 -3.02 12.55
C ASN A 185 4.08 -1.65 11.98
N PRO A 186 5.09 -0.83 11.66
CA PRO A 186 4.79 0.51 11.12
C PRO A 186 4.00 0.49 9.83
N ILE A 187 4.24 -0.49 8.96
CA ILE A 187 3.47 -0.58 7.73
C ILE A 187 2.03 -1.01 8.02
N PHE A 188 1.82 -1.77 9.10
CA PHE A 188 0.47 -2.21 9.44
C PHE A 188 -0.41 -1.03 9.84
N MET A 189 0.08 -0.17 10.73
CA MET A 189 -0.68 1.01 11.13
C MET A 189 -0.90 1.93 9.93
N ALA A 190 0.11 2.04 9.06
CA ALA A 190 -0.03 2.90 7.89
C ALA A 190 -1.15 2.40 6.96
N ILE A 191 -1.13 1.11 6.63
CA ILE A 191 -2.16 0.59 5.74
C ILE A 191 -3.52 0.59 6.43
N HIS A 192 -3.56 0.45 7.75
CA HIS A 192 -4.82 0.52 8.48
C HIS A 192 -5.42 1.91 8.38
N VAL A 193 -4.60 2.94 8.65
CA VAL A 193 -5.08 4.31 8.54
C VAL A 193 -5.50 4.62 7.12
N ALA A 194 -4.74 4.14 6.13
CA ALA A 194 -5.09 4.38 4.74
C ALA A 194 -6.44 3.76 4.37
N LEU A 195 -6.64 2.50 4.77
CA LEU A 195 -7.91 1.83 4.47
C LEU A 195 -9.08 2.51 5.18
N LEU A 196 -8.89 2.90 6.45
CA LEU A 196 -9.96 3.57 7.16
C LEU A 196 -10.30 4.92 6.53
N ASP A 197 -9.28 5.66 6.09
CA ASP A 197 -9.55 6.94 5.44
C ASP A 197 -10.26 6.73 4.11
N TRP A 198 -9.82 5.76 3.31
CA TRP A 198 -10.46 5.50 2.03
C TRP A 198 -11.87 4.97 2.21
N LEU A 199 -12.17 4.34 3.35
CA LEU A 199 -13.51 3.84 3.59
C LEU A 199 -14.44 4.94 4.09
N ILE A 200 -13.96 5.80 5.00
CA ILE A 200 -14.79 6.90 5.47
C ILE A 200 -14.95 7.98 4.42
N ALA A 201 -14.05 8.05 3.44
CA ALA A 201 -14.20 8.99 2.35
C ALA A 201 -15.30 8.60 1.37
N ALA A 202 -15.80 7.38 1.45
CA ALA A 202 -16.85 6.89 0.57
C ALA A 202 -18.13 6.58 1.34
N ARG A 203 -18.47 7.43 2.30
CA ARG A 203 -19.68 7.28 3.11
C ARG A 203 -20.58 8.49 2.86
N PRO A 204 -21.38 8.47 1.80
CA PRO A 204 -22.23 9.62 1.48
C PRO A 204 -23.57 9.59 2.22
N THR A 205 -24.01 10.78 2.61
CA THR A 205 -25.30 10.99 3.27
C THR A 205 -25.43 10.13 4.52
N VAL A 206 -24.53 10.37 5.47
CA VAL A 206 -24.57 9.69 6.76
C VAL A 206 -25.67 10.30 7.62
N THR A 207 -26.67 9.49 7.96
CA THR A 207 -27.82 9.95 8.71
C THR A 207 -27.90 9.21 10.04
N ASP A 208 -28.53 9.87 11.02
CA ASP A 208 -28.68 9.30 12.36
C ASP A 208 -30.10 8.77 12.53
N GLN A 209 -30.34 7.62 11.89
CA GLN A 209 -31.64 6.95 11.96
C GLN A 209 -31.62 5.79 12.95
N ALA A 210 -30.69 4.85 12.78
CA ALA A 210 -30.56 3.69 13.66
C ALA A 210 -29.12 3.52 14.09
N LEU A 211 -28.46 4.62 14.46
CA LEU A 211 -27.06 4.56 14.88
C LEU A 211 -26.91 4.22 16.35
N HIS A 212 -27.91 4.53 17.17
CA HIS A 212 -27.83 4.19 18.59
C HIS A 212 -27.90 2.68 18.79
N GLU A 213 -28.87 2.01 18.17
CA GLU A 213 -28.92 0.56 18.22
C GLU A 213 -27.70 -0.06 17.57
N HIS A 214 -27.16 0.59 16.53
CA HIS A 214 -25.91 0.13 15.94
C HIS A 214 -24.77 0.22 16.95
N ASN A 215 -24.75 1.30 17.74
CA ASN A 215 -23.73 1.43 18.77
C ASN A 215 -23.87 0.35 19.83
N ASN A 216 -25.11 0.05 20.23
CA ASN A 216 -25.32 -1.01 21.21
C ASN A 216 -24.88 -2.37 20.67
N VAL A 217 -25.22 -2.66 19.41
CA VAL A 217 -24.80 -3.91 18.80
C VAL A 217 -23.28 -3.98 18.71
N SER A 218 -22.63 -2.87 18.37
CA SER A 218 -21.18 -2.85 18.30
C SER A 218 -20.56 -3.07 19.67
N TYR A 219 -21.15 -2.49 20.72
CA TYR A 219 -20.65 -2.69 22.07
C TYR A 219 -20.77 -4.15 22.48
N GLN A 220 -21.93 -4.77 22.20
CA GLN A 220 -22.12 -6.18 22.53
C GLN A 220 -21.15 -7.06 21.75
N GLN A 221 -20.90 -6.72 20.49
CA GLN A 221 -19.97 -7.51 19.68
C GLN A 221 -18.54 -7.35 20.17
N HIS A 222 -18.17 -6.15 20.63
CA HIS A 222 -16.84 -5.95 21.18
C HIS A 222 -16.69 -6.71 22.50
N ILE A 223 -17.75 -6.76 23.31
CA ILE A 223 -17.72 -7.54 24.54
C ILE A 223 -17.54 -9.02 24.21
N ALA A 224 -18.28 -9.52 23.22
CA ALA A 224 -18.13 -10.91 22.81
C ALA A 224 -16.73 -11.18 22.28
N ILE A 225 -16.15 -10.21 21.56
CA ILE A 225 -14.82 -10.39 20.99
C ILE A 225 -13.77 -10.47 22.09
N VAL A 226 -13.85 -9.57 23.08
CA VAL A 226 -12.86 -9.60 24.15
C VAL A 226 -13.06 -10.84 25.02
N ASP A 227 -14.30 -11.31 25.17
CA ASP A 227 -14.53 -12.55 25.90
C ASP A 227 -13.93 -13.75 25.17
N ALA A 228 -14.11 -13.80 23.85
CA ALA A 228 -13.50 -14.88 23.07
C ALA A 228 -11.97 -14.80 23.10
N ILE A 229 -11.42 -13.58 23.13
CA ILE A 229 -9.97 -13.44 23.23
C ILE A 229 -9.48 -13.93 24.58
N ARG A 230 -10.21 -13.61 25.65
CA ARG A 230 -9.83 -14.11 26.97
C ARG A 230 -9.92 -15.63 27.03
N ARG A 231 -10.95 -16.21 26.43
CA ARG A 231 -11.13 -17.66 26.43
C ARG A 231 -10.30 -18.36 25.37
N HIS A 232 -9.57 -17.62 24.54
CA HIS A 232 -8.71 -18.19 23.50
C HIS A 232 -9.53 -19.04 22.51
N ASP A 233 -10.56 -18.41 21.94
CA ASP A 233 -11.42 -19.05 20.97
C ASP A 233 -11.67 -18.08 19.82
N PRO A 234 -10.85 -18.14 18.76
CA PRO A 234 -11.02 -17.20 17.65
C PRO A 234 -12.26 -17.44 16.81
N ASP A 235 -12.91 -18.61 16.95
CA ASP A 235 -14.07 -18.91 16.13
C ASP A 235 -15.24 -17.97 16.45
N GLU A 236 -15.56 -17.83 17.74
CA GLU A 236 -16.66 -16.95 18.13
C GLU A 236 -16.32 -15.50 17.81
N ALA A 237 -15.07 -15.10 17.98
CA ALA A 237 -14.66 -13.74 17.65
C ALA A 237 -14.80 -13.49 16.14
N ASP A 238 -14.39 -14.45 15.32
CA ASP A 238 -14.53 -14.29 13.88
C ASP A 238 -16.00 -14.24 13.47
N ARG A 239 -16.84 -15.05 14.11
CA ARG A 239 -18.27 -15.02 13.80
C ARG A 239 -18.89 -13.68 14.18
N ALA A 240 -18.53 -13.15 15.35
CA ALA A 240 -19.04 -11.85 15.76
C ALA A 240 -18.57 -10.75 14.84
N LEU A 241 -17.31 -10.81 14.40
CA LEU A 241 -16.78 -9.80 13.48
C LEU A 241 -17.48 -9.88 12.13
N GLN A 242 -17.74 -11.10 11.64
CA GLN A 242 -18.47 -11.25 10.39
C GLN A 242 -19.89 -10.71 10.51
N SER A 243 -20.55 -10.98 11.63
CA SER A 243 -21.90 -10.45 11.82
C SER A 243 -21.89 -8.93 11.90
N HIS A 244 -20.89 -8.35 12.56
CA HIS A 244 -20.79 -6.90 12.65
C HIS A 244 -20.56 -6.28 11.28
N LEU A 245 -19.70 -6.90 10.46
CA LEU A 245 -19.43 -6.35 9.15
C LEU A 245 -20.59 -6.55 8.19
N ASN A 246 -21.40 -7.59 8.41
CA ASN A 246 -22.58 -7.79 7.57
C ASN A 246 -23.71 -6.86 7.99
N SER A 247 -23.80 -6.52 9.27
CA SER A 247 -24.84 -5.61 9.72
C SER A 247 -24.55 -4.17 9.32
N VAL A 248 -23.29 -3.83 9.11
CA VAL A 248 -22.86 -2.49 8.72
C VAL A 248 -23.37 -1.44 9.72
N LYS B 30 -1.93 27.62 2.05
CA LYS B 30 -1.06 26.48 1.81
C LYS B 30 -0.32 26.64 0.49
N LYS B 31 -0.16 25.53 -0.23
CA LYS B 31 0.52 25.53 -1.51
C LYS B 31 -0.53 25.43 -2.62
N LEU B 32 -0.55 26.43 -3.50
CA LEU B 32 -1.51 26.45 -4.61
C LEU B 32 -1.29 25.28 -5.56
N SER B 33 -0.02 24.97 -5.79
CA SER B 33 0.39 23.88 -6.69
C SER B 33 -0.42 22.59 -6.53
N GLU B 34 -0.49 22.07 -5.30
CA GLU B 34 -1.22 20.82 -5.07
C GLU B 34 -2.69 20.96 -5.41
N MET B 35 -3.27 22.14 -5.19
CA MET B 35 -4.68 22.35 -5.50
C MET B 35 -4.96 22.18 -6.98
N VAL B 36 -4.24 22.92 -7.82
CA VAL B 36 -4.44 22.81 -9.26
C VAL B 36 -4.00 21.45 -9.77
N GLU B 37 -3.01 20.83 -9.10
CA GLU B 37 -2.60 19.49 -9.49
C GLU B 37 -3.73 18.49 -9.31
N GLU B 38 -4.36 18.49 -8.13
CA GLU B 38 -5.49 17.60 -7.90
C GLU B 38 -6.67 17.97 -8.78
N GLU B 39 -6.84 19.26 -9.09
CA GLU B 39 -7.92 19.68 -9.98
C GLU B 39 -7.74 19.08 -11.38
N LEU B 40 -6.56 19.24 -11.96
CA LEU B 40 -6.32 18.67 -13.29
C LEU B 40 -6.32 17.14 -13.24
N GLU B 41 -5.92 16.56 -12.10
CA GLU B 41 -5.97 15.11 -11.97
C GLU B 41 -7.41 14.60 -12.03
N GLN B 42 -8.30 15.19 -11.24
CA GLN B 42 -9.70 14.78 -11.29
C GLN B 42 -10.34 15.13 -12.62
N MET B 43 -9.88 16.19 -13.28
CA MET B 43 -10.41 16.53 -14.60
C MET B 43 -10.04 15.48 -15.62
N ILE B 44 -8.78 15.03 -15.62
CA ILE B 44 -8.36 13.99 -16.55
C ILE B 44 -8.93 12.63 -16.15
N ARG B 45 -9.30 12.46 -14.89
CA ARG B 45 -9.96 11.22 -14.47
C ARG B 45 -11.43 11.20 -14.88
N ARG B 46 -12.06 12.37 -14.97
CA ARG B 46 -13.46 12.45 -15.42
C ARG B 46 -13.60 12.22 -16.92
N ARG B 47 -12.52 11.89 -17.63
CA ARG B 47 -12.54 11.64 -19.07
C ARG B 47 -13.06 12.86 -19.84
N GLU B 48 -12.66 14.05 -19.41
CA GLU B 48 -13.08 15.26 -20.10
C GLU B 48 -12.32 15.46 -21.40
N PHE B 49 -11.06 15.02 -21.47
CA PHE B 49 -10.24 15.15 -22.66
C PHE B 49 -9.60 13.81 -22.97
N GLY B 50 -9.74 13.36 -24.22
CA GLY B 50 -9.19 12.09 -24.62
C GLY B 50 -7.76 12.16 -25.09
N GLU B 51 -7.41 11.37 -26.11
CA GLU B 51 -6.05 11.35 -26.62
C GLU B 51 -5.78 12.57 -27.48
N GLY B 52 -4.57 13.09 -27.40
CA GLY B 52 -4.15 14.24 -28.18
C GLY B 52 -3.99 15.48 -27.30
N GLU B 53 -3.67 16.58 -27.97
CA GLU B 53 -3.48 17.87 -27.31
C GLU B 53 -4.82 18.62 -27.28
N GLN B 54 -5.70 18.15 -26.41
CA GLN B 54 -7.04 18.72 -26.28
C GLN B 54 -7.14 19.76 -25.16
N LEU B 55 -6.09 19.94 -24.37
CA LEU B 55 -6.12 20.92 -23.30
C LEU B 55 -5.96 22.33 -23.85
N PRO B 56 -6.63 23.32 -23.26
CA PRO B 56 -6.49 24.70 -23.75
C PRO B 56 -5.17 25.33 -23.37
N SER B 57 -4.99 26.61 -23.71
CA SER B 57 -3.76 27.31 -23.38
C SER B 57 -3.67 27.52 -21.88
N GLU B 58 -2.52 27.12 -21.29
CA GLU B 58 -2.33 27.22 -19.85
C GLU B 58 -2.25 28.67 -19.36
N ARG B 59 -2.11 29.64 -20.26
CA ARG B 59 -2.07 31.03 -19.85
C ARG B 59 -3.42 31.50 -19.34
N GLU B 60 -4.49 31.25 -20.12
CA GLU B 60 -5.82 31.66 -19.67
C GLU B 60 -6.31 30.79 -18.53
N LEU B 61 -5.85 29.54 -18.44
CA LEU B 61 -6.10 28.73 -17.25
C LEU B 61 -5.56 29.41 -16.01
N MET B 62 -4.31 29.90 -16.09
CA MET B 62 -3.71 30.61 -14.96
C MET B 62 -4.45 31.90 -14.67
N ALA B 63 -4.85 32.62 -15.72
CA ALA B 63 -5.57 33.88 -15.52
C ALA B 63 -6.93 33.65 -14.86
N PHE B 64 -7.57 32.52 -15.14
CA PHE B 64 -8.86 32.23 -14.53
C PHE B 64 -8.71 31.65 -13.12
N PHE B 65 -7.63 30.93 -12.85
CA PHE B 65 -7.42 30.32 -11.54
C PHE B 65 -6.71 31.24 -10.57
N ASN B 66 -6.16 32.36 -11.04
CA ASN B 66 -5.45 33.32 -10.19
C ASN B 66 -4.28 32.66 -9.47
N VAL B 67 -3.46 31.95 -10.25
CA VAL B 67 -2.28 31.25 -9.74
C VAL B 67 -1.05 31.86 -10.39
N GLY B 68 0.10 31.23 -10.15
CA GLY B 68 1.37 31.71 -10.65
C GLY B 68 1.94 30.82 -11.75
N ARG B 69 2.99 31.34 -12.39
CA ARG B 69 3.64 30.58 -13.46
C ARG B 69 4.45 29.41 -12.93
N PRO B 70 5.28 29.54 -11.89
CA PRO B 70 6.02 28.36 -11.40
C PRO B 70 5.12 27.27 -10.86
N SER B 71 3.92 27.59 -10.41
CA SER B 71 3.02 26.55 -9.92
C SER B 71 2.60 25.60 -11.04
N VAL B 72 2.28 26.14 -12.21
CA VAL B 72 1.92 25.29 -13.35
C VAL B 72 3.09 24.44 -13.78
N ARG B 73 4.30 25.01 -13.77
CA ARG B 73 5.49 24.23 -14.14
C ARG B 73 5.73 23.11 -13.14
N GLU B 74 5.54 23.39 -11.85
CA GLU B 74 5.71 22.35 -10.84
C GLU B 74 4.65 21.25 -11.00
N ALA B 75 3.42 21.64 -11.33
CA ALA B 75 2.37 20.64 -11.53
C ALA B 75 2.69 19.76 -12.74
N LEU B 76 3.15 20.37 -13.84
CA LEU B 76 3.51 19.58 -15.02
C LEU B 76 4.70 18.67 -14.73
N ALA B 77 5.67 19.15 -13.95
CA ALA B 77 6.80 18.30 -13.58
C ALA B 77 6.36 17.13 -12.72
N ALA B 78 5.43 17.37 -11.80
CA ALA B 78 4.90 16.29 -10.97
C ALA B 78 4.15 15.27 -11.81
N LEU B 79 3.35 15.75 -12.78
CA LEU B 79 2.62 14.82 -13.65
C LEU B 79 3.58 14.03 -14.53
N LYS B 80 4.66 14.66 -14.99
CA LYS B 80 5.66 13.94 -15.78
C LYS B 80 6.38 12.88 -14.94
N ARG B 81 6.70 13.22 -13.70
CA ARG B 81 7.32 12.23 -12.81
C ARG B 81 6.36 11.09 -12.50
N LYS B 82 5.05 11.38 -12.39
CA LYS B 82 4.07 10.33 -12.18
C LYS B 82 3.95 9.43 -13.39
N GLY B 83 3.97 10.01 -14.59
CA GLY B 83 3.90 9.23 -15.81
C GLY B 83 2.55 9.29 -16.50
N LEU B 84 1.94 10.47 -16.51
CA LEU B 84 0.65 10.66 -17.17
C LEU B 84 0.71 11.57 -18.38
N VAL B 85 1.65 12.51 -18.43
CA VAL B 85 1.79 13.42 -19.55
C VAL B 85 3.14 13.17 -20.22
N GLN B 86 3.33 13.80 -21.37
CA GLN B 86 4.55 13.66 -22.15
C GLN B 86 4.93 15.03 -22.71
N ILE B 87 6.01 15.61 -22.20
CA ILE B 87 6.50 16.90 -22.65
C ILE B 87 7.98 16.74 -23.00
N ASN B 88 8.34 17.10 -24.24
CA ASN B 88 9.70 16.98 -24.73
C ASN B 88 10.32 18.34 -25.01
N ASN B 89 9.67 19.17 -25.81
CA ASN B 89 10.20 20.48 -26.18
C ASN B 89 9.22 21.61 -25.89
N GLY B 90 8.29 21.89 -26.79
CA GLY B 90 7.34 22.96 -26.59
C GLY B 90 5.91 22.58 -26.94
N GLU B 91 5.67 21.30 -27.14
CA GLU B 91 4.33 20.82 -27.46
C GLU B 91 3.48 20.75 -26.19
N ARG B 92 2.23 20.35 -26.37
CA ARG B 92 1.29 20.24 -25.27
C ARG B 92 1.28 18.82 -24.70
N ALA B 93 0.66 18.68 -23.52
CA ALA B 93 0.61 17.40 -22.85
C ALA B 93 -0.51 16.53 -23.39
N ARG B 94 -0.38 15.22 -23.16
CA ARG B 94 -1.38 14.25 -23.61
C ARG B 94 -1.76 13.31 -22.46
N VAL B 95 -2.53 12.28 -22.78
CA VAL B 95 -2.95 11.30 -21.78
C VAL B 95 -2.10 10.04 -21.94
N SER B 96 -2.03 9.27 -20.86
CA SER B 96 -1.25 8.03 -20.83
C SER B 96 -2.13 6.92 -20.26
N ARG B 97 -2.53 5.98 -21.13
CA ARG B 97 -3.37 4.86 -20.72
C ARG B 97 -2.57 3.78 -20.00
N PRO B 98 -1.41 3.34 -20.51
CA PRO B 98 -0.63 2.32 -19.79
C PRO B 98 -0.12 2.85 -18.46
N SER B 99 0.04 1.93 -17.51
CA SER B 99 0.48 2.26 -16.16
C SER B 99 1.65 1.40 -15.71
N ALA B 100 2.48 0.92 -16.65
CA ALA B 100 3.60 0.07 -16.29
C ALA B 100 4.84 0.85 -15.86
N ASP B 101 4.95 2.12 -16.27
CA ASP B 101 6.13 2.91 -15.92
C ASP B 101 6.09 3.30 -14.45
N THR B 102 4.94 3.75 -13.96
CA THR B 102 4.83 4.14 -12.56
C THR B 102 5.02 2.94 -11.64
N ILE B 103 4.70 1.73 -12.11
CA ILE B 103 4.90 0.54 -11.29
C ILE B 103 6.37 0.34 -10.97
N ILE B 104 7.22 0.27 -12.02
CA ILE B 104 8.65 0.09 -11.79
C ILE B 104 9.25 1.33 -11.14
N GLY B 105 8.68 2.51 -11.38
CA GLY B 105 9.15 3.70 -10.68
C GLY B 105 8.96 3.60 -9.18
N GLU B 106 7.75 3.23 -8.75
CA GLU B 106 7.51 3.04 -7.32
C GLU B 106 8.33 1.89 -6.77
N LEU B 107 8.55 0.84 -7.58
CA LEU B 107 9.40 -0.26 -7.14
C LEU B 107 10.81 0.22 -6.82
N SER B 108 11.41 0.98 -7.74
CA SER B 108 12.75 1.50 -7.52
C SER B 108 12.78 2.50 -6.37
N GLY B 109 11.71 3.28 -6.21
CA GLY B 109 11.68 4.26 -5.13
C GLY B 109 11.51 3.64 -3.76
N MET B 110 10.83 2.50 -3.68
CA MET B 110 10.58 1.86 -2.39
C MET B 110 11.67 0.86 -2.02
N ALA B 111 12.21 0.13 -2.99
CA ALA B 111 13.25 -0.86 -2.70
C ALA B 111 14.58 -0.18 -2.35
N LYS B 112 14.61 0.57 -1.25
CA LYS B 112 15.81 1.28 -0.84
C LYS B 112 16.01 1.18 0.67
N ASP B 113 14.90 1.14 1.42
CA ASP B 113 14.97 1.10 2.88
C ASP B 113 15.30 -0.33 3.33
N PHE B 114 16.56 -0.69 3.18
CA PHE B 114 17.06 -2.00 3.56
C PHE B 114 18.14 -1.95 4.63
N LEU B 115 19.07 -1.00 4.54
CA LEU B 115 20.16 -0.91 5.51
C LEU B 115 19.72 -0.31 6.84
N SER B 116 18.58 0.36 6.88
CA SER B 116 18.11 0.96 8.13
C SER B 116 17.67 -0.12 9.11
N HIS B 117 16.67 -0.92 8.72
CA HIS B 117 16.16 -2.00 9.56
C HIS B 117 16.57 -3.35 9.00
N PRO B 118 17.47 -4.07 9.68
CA PRO B 118 17.93 -5.37 9.17
C PRO B 118 16.83 -6.42 9.12
N GLY B 119 16.14 -6.61 10.24
CA GLY B 119 15.06 -7.58 10.32
C GLY B 119 13.68 -7.05 10.02
N GLY B 120 13.52 -5.73 9.96
CA GLY B 120 12.22 -5.15 9.69
C GLY B 120 11.66 -5.55 8.34
N ILE B 121 12.54 -5.88 7.39
CA ILE B 121 12.07 -6.36 6.09
C ILE B 121 11.25 -7.64 6.26
N ALA B 122 11.62 -8.47 7.24
CA ALA B 122 10.81 -9.65 7.55
C ALA B 122 9.38 -9.27 7.91
N HIS B 123 9.20 -8.11 8.56
CA HIS B 123 7.86 -7.60 8.81
C HIS B 123 7.06 -7.53 7.50
N PHE B 124 7.67 -6.99 6.45
CA PHE B 124 7.03 -7.01 5.13
C PHE B 124 6.69 -8.43 4.72
N GLU B 125 7.65 -9.36 4.87
CA GLU B 125 7.35 -10.77 4.64
C GLU B 125 6.22 -11.23 5.53
N GLN B 126 6.21 -10.81 6.80
CA GLN B 126 5.10 -11.13 7.69
C GLN B 126 3.78 -10.63 7.10
N LEU B 127 3.80 -9.46 6.48
CA LEU B 127 2.59 -8.96 5.80
C LEU B 127 2.10 -9.97 4.78
N ARG B 128 3.01 -10.57 4.00
CA ARG B 128 2.62 -11.60 3.05
C ARG B 128 1.86 -12.72 3.74
N LEU B 129 2.31 -13.10 4.94
CA LEU B 129 1.57 -14.07 5.74
C LEU B 129 0.12 -13.63 5.91
N PHE B 130 -0.08 -12.41 6.42
CA PHE B 130 -1.41 -11.87 6.62
C PHE B 130 -2.24 -11.85 5.35
N PHE B 131 -1.61 -12.04 4.18
CA PHE B 131 -2.36 -12.19 2.94
C PHE B 131 -2.67 -13.66 2.66
N GLU B 132 -1.66 -14.53 2.72
CA GLU B 132 -1.86 -15.92 2.31
C GLU B 132 -2.79 -16.65 3.27
N SER B 133 -2.69 -16.35 4.58
CA SER B 133 -3.62 -16.92 5.54
C SER B 133 -5.06 -16.51 5.28
N SER B 134 -5.28 -15.44 4.51
CA SER B 134 -6.61 -15.01 4.13
C SER B 134 -7.07 -15.64 2.82
N LEU B 135 -6.33 -16.62 2.30
CA LEU B 135 -6.69 -17.28 1.05
C LEU B 135 -7.02 -18.75 1.24
N VAL B 136 -6.16 -19.51 1.91
CA VAL B 136 -6.38 -20.94 2.10
C VAL B 136 -7.64 -21.21 2.92
N ARG B 137 -8.07 -20.24 3.73
CA ARG B 137 -9.28 -20.38 4.52
C ARG B 137 -10.53 -19.96 3.76
N TYR B 138 -10.41 -19.62 2.47
CA TYR B 138 -11.56 -19.24 1.66
C TYR B 138 -12.02 -20.32 0.69
N ALA B 139 -11.15 -21.28 0.37
CA ALA B 139 -11.52 -22.32 -0.59
C ALA B 139 -12.70 -23.14 -0.08
N ALA B 140 -12.81 -23.34 1.23
CA ALA B 140 -13.94 -24.06 1.81
C ALA B 140 -15.20 -23.21 1.92
N GLU B 141 -15.16 -21.97 1.45
CA GLU B 141 -16.33 -21.09 1.56
C GLU B 141 -17.33 -21.35 0.44
N HIS B 142 -16.90 -21.15 -0.81
CA HIS B 142 -17.79 -21.28 -1.95
C HIS B 142 -17.28 -22.18 -3.07
N ALA B 143 -15.99 -22.54 -3.08
CA ALA B 143 -15.46 -23.40 -4.11
C ALA B 143 -16.01 -24.82 -3.93
N THR B 144 -16.71 -25.31 -4.95
CA THR B 144 -17.37 -26.62 -4.88
C THR B 144 -16.69 -27.65 -5.77
N ASP B 145 -16.52 -27.35 -7.06
CA ASP B 145 -15.91 -28.32 -7.96
C ASP B 145 -15.31 -27.63 -9.19
N GLU B 146 -15.81 -26.45 -9.54
CA GLU B 146 -15.32 -25.76 -10.72
C GLU B 146 -13.92 -25.20 -10.53
N GLN B 147 -13.55 -24.87 -9.28
CA GLN B 147 -12.18 -24.45 -9.01
C GLN B 147 -11.27 -25.61 -8.68
N ILE B 148 -11.83 -26.71 -8.17
CA ILE B 148 -11.02 -27.87 -7.81
C ILE B 148 -10.35 -28.45 -9.04
N ASP B 149 -11.09 -28.58 -10.14
CA ASP B 149 -10.49 -29.09 -11.38
C ASP B 149 -9.40 -28.16 -11.90
N LEU B 150 -9.62 -26.85 -11.78
CA LEU B 150 -8.61 -25.89 -12.24
C LEU B 150 -7.33 -26.00 -11.43
N LEU B 151 -7.45 -26.03 -10.10
CA LEU B 151 -6.24 -26.16 -9.28
C LEU B 151 -5.58 -27.52 -9.47
N ALA B 152 -6.36 -28.56 -9.75
CA ALA B 152 -5.78 -29.87 -9.99
C ALA B 152 -4.98 -29.89 -11.29
N LYS B 153 -5.57 -29.39 -12.38
CA LYS B 153 -4.84 -29.32 -13.63
C LYS B 153 -3.68 -28.34 -13.57
N ALA B 154 -3.70 -27.39 -12.64
CA ALA B 154 -2.54 -26.53 -12.44
C ALA B 154 -1.43 -27.28 -11.72
N LEU B 155 -1.74 -27.90 -10.58
CA LEU B 155 -0.72 -28.64 -9.84
C LEU B 155 -0.18 -29.83 -10.63
N GLU B 156 -0.93 -30.32 -11.62
CA GLU B 156 -0.41 -31.37 -12.50
C GLU B 156 0.88 -30.90 -13.18
N ILE B 157 0.81 -29.79 -13.91
CA ILE B 157 2.01 -29.25 -14.55
C ILE B 157 3.01 -28.74 -13.52
N ASN B 158 2.52 -28.22 -12.39
CA ASN B 158 3.42 -27.76 -11.33
C ASN B 158 4.33 -28.89 -10.85
N SER B 159 3.78 -30.09 -10.70
CA SER B 159 4.59 -31.24 -10.33
C SER B 159 5.36 -31.82 -11.51
N GLN B 160 4.81 -31.70 -12.72
CA GLN B 160 5.52 -32.16 -13.91
C GLN B 160 6.77 -31.32 -14.19
N SER B 161 6.83 -30.11 -13.67
CA SER B 161 8.02 -29.28 -13.83
C SER B 161 9.25 -29.98 -13.25
N LEU B 162 10.40 -29.74 -13.88
CA LEU B 162 11.64 -30.42 -13.50
C LEU B 162 12.77 -29.47 -13.16
N ASP B 163 12.90 -28.35 -13.86
CA ASP B 163 14.01 -27.43 -13.62
C ASP B 163 13.87 -26.77 -12.26
N ASN B 164 14.99 -26.58 -11.58
CA ASN B 164 14.96 -26.05 -10.21
C ASN B 164 14.79 -24.53 -10.22
N ASN B 165 15.60 -23.83 -11.01
CA ASN B 165 15.59 -22.38 -11.00
C ASN B 165 14.55 -21.76 -11.93
N ALA B 166 14.21 -22.44 -13.02
CA ALA B 166 13.28 -21.91 -14.01
C ALA B 166 11.88 -22.48 -13.88
N ALA B 167 11.75 -23.81 -13.92
CA ALA B 167 10.43 -24.42 -13.93
C ALA B 167 9.76 -24.39 -12.56
N PHE B 168 10.54 -24.61 -11.50
CA PHE B 168 9.94 -24.67 -10.17
C PHE B 168 9.44 -23.31 -9.71
N ILE B 169 10.20 -22.25 -10.00
CA ILE B 169 9.76 -20.91 -9.64
C ILE B 169 8.52 -20.51 -10.43
N ARG B 170 8.52 -20.83 -11.74
CA ARG B 170 7.35 -20.54 -12.55
C ARG B 170 6.14 -21.34 -12.09
N SER B 171 6.33 -22.61 -11.73
CA SER B 171 5.23 -23.41 -11.22
C SER B 171 4.71 -22.84 -9.90
N ASP B 172 5.60 -22.38 -9.03
CA ASP B 172 5.17 -21.81 -7.75
C ASP B 172 4.38 -20.53 -7.96
N VAL B 173 4.85 -19.65 -8.84
CA VAL B 173 4.13 -18.39 -9.05
C VAL B 173 2.82 -18.65 -9.76
N ASP B 174 2.75 -19.66 -10.63
CA ASP B 174 1.49 -19.99 -11.28
C ASP B 174 0.49 -20.56 -10.27
N PHE B 175 0.97 -21.39 -9.34
CA PHE B 175 0.09 -21.91 -8.30
C PHE B 175 -0.41 -20.79 -7.40
N HIS B 176 0.47 -19.84 -7.05
CA HIS B 176 0.04 -18.70 -6.26
C HIS B 176 -0.97 -17.85 -7.00
N ARG B 177 -0.79 -17.68 -8.31
CA ARG B 177 -1.73 -16.91 -9.12
C ARG B 177 -3.10 -17.58 -9.17
N VAL B 178 -3.13 -18.89 -9.43
CA VAL B 178 -4.41 -19.58 -9.49
C VAL B 178 -5.04 -19.71 -8.11
N LEU B 179 -4.26 -19.60 -7.04
CA LEU B 179 -4.85 -19.53 -5.71
C LEU B 179 -5.48 -18.16 -5.46
N ALA B 180 -4.77 -17.09 -5.83
CA ALA B 180 -5.30 -15.75 -5.65
C ALA B 180 -6.49 -15.45 -6.55
N GLU B 181 -6.61 -16.16 -7.68
CA GLU B 181 -7.71 -15.95 -8.61
C GLU B 181 -8.95 -16.74 -8.25
N ILE B 182 -8.96 -17.45 -7.12
CA ILE B 182 -10.11 -18.23 -6.70
C ILE B 182 -11.29 -17.32 -6.34
N PRO B 183 -11.12 -16.31 -5.48
CA PRO B 183 -12.28 -15.44 -5.16
C PRO B 183 -12.73 -14.58 -6.31
N GLY B 184 -11.92 -14.42 -7.35
CA GLY B 184 -12.30 -13.58 -8.48
C GLY B 184 -12.24 -12.11 -8.15
N ASN B 185 -11.04 -11.60 -7.87
CA ASN B 185 -10.86 -10.20 -7.49
C ASN B 185 -9.66 -9.62 -8.22
N PRO B 186 -9.85 -8.57 -9.02
CA PRO B 186 -8.70 -7.99 -9.74
C PRO B 186 -7.73 -7.28 -8.82
N ILE B 187 -8.20 -6.74 -7.69
CA ILE B 187 -7.29 -6.06 -6.76
C ILE B 187 -6.36 -7.06 -6.10
N PHE B 188 -6.87 -8.26 -5.79
CA PHE B 188 -6.04 -9.28 -5.15
C PHE B 188 -4.88 -9.70 -6.06
N MET B 189 -5.16 -9.86 -7.35
CA MET B 189 -4.10 -10.23 -8.29
C MET B 189 -3.04 -9.14 -8.38
N ALA B 190 -3.47 -7.87 -8.39
CA ALA B 190 -2.52 -6.77 -8.44
C ALA B 190 -1.67 -6.73 -7.18
N ILE B 191 -2.29 -6.91 -6.01
CA ILE B 191 -1.53 -6.92 -4.76
C ILE B 191 -0.55 -8.08 -4.75
N HIS B 192 -0.95 -9.24 -5.25
CA HIS B 192 -0.08 -10.41 -5.25
C HIS B 192 1.12 -10.19 -6.16
N VAL B 193 0.89 -9.69 -7.38
CA VAL B 193 2.01 -9.48 -8.29
C VAL B 193 2.90 -8.35 -7.78
N ALA B 194 2.32 -7.36 -7.09
CA ALA B 194 3.14 -6.30 -6.50
C ALA B 194 4.05 -6.85 -5.42
N LEU B 195 3.49 -7.67 -4.52
CA LEU B 195 4.32 -8.30 -3.50
C LEU B 195 5.39 -9.18 -4.12
N LEU B 196 5.05 -9.88 -5.20
CA LEU B 196 6.01 -10.75 -5.86
C LEU B 196 7.18 -9.96 -6.41
N ASP B 197 6.91 -8.90 -7.19
CA ASP B 197 8.00 -8.11 -7.74
C ASP B 197 8.77 -7.39 -6.65
N TRP B 198 8.10 -6.97 -5.57
CA TRP B 198 8.78 -6.32 -4.47
C TRP B 198 9.77 -7.26 -3.79
N LEU B 199 9.34 -8.49 -3.50
CA LEU B 199 10.27 -9.43 -2.87
C LEU B 199 11.37 -9.86 -3.83
N ILE B 200 11.07 -9.92 -5.13
CA ILE B 200 12.11 -10.26 -6.10
C ILE B 200 13.17 -9.17 -6.15
N ALA B 201 12.75 -7.90 -6.15
CA ALA B 201 13.72 -6.81 -6.15
C ALA B 201 14.43 -6.69 -4.81
N ALA B 202 13.80 -7.12 -3.72
CA ALA B 202 14.41 -7.01 -2.41
C ALA B 202 15.48 -8.08 -2.19
N ARG B 203 15.15 -9.34 -2.44
CA ARG B 203 16.10 -10.42 -2.23
C ARG B 203 17.20 -10.37 -3.29
N PRO B 204 18.46 -10.13 -2.92
CA PRO B 204 19.53 -10.03 -3.91
C PRO B 204 20.25 -11.34 -4.20
N THR B 205 20.09 -12.35 -3.36
CA THR B 205 20.79 -13.62 -3.52
C THR B 205 19.78 -14.76 -3.53
N VAL B 206 19.90 -15.65 -4.51
CA VAL B 206 19.02 -16.80 -4.63
C VAL B 206 19.89 -18.05 -4.69
N THR B 207 19.33 -19.17 -4.22
CA THR B 207 20.04 -20.44 -4.18
C THR B 207 19.37 -21.42 -5.14
N ASP B 208 20.08 -22.52 -5.41
CA ASP B 208 19.58 -23.57 -6.29
C ASP B 208 19.42 -24.91 -5.59
N GLN B 209 20.41 -25.31 -4.79
CA GLN B 209 20.32 -26.59 -4.08
C GLN B 209 19.31 -26.51 -2.95
N ALA B 210 19.38 -25.45 -2.14
CA ALA B 210 18.41 -25.29 -1.05
C ALA B 210 17.02 -24.99 -1.59
N LEU B 211 16.93 -24.25 -2.70
CA LEU B 211 15.63 -23.97 -3.29
C LEU B 211 14.96 -25.23 -3.80
N HIS B 212 15.74 -26.24 -4.19
CA HIS B 212 15.17 -27.51 -4.62
C HIS B 212 14.37 -28.15 -3.50
N GLU B 213 15.00 -28.37 -2.35
CA GLU B 213 14.30 -28.94 -1.20
C GLU B 213 13.21 -28.00 -0.71
N HIS B 214 13.41 -26.68 -0.86
CA HIS B 214 12.38 -25.72 -0.47
C HIS B 214 11.09 -25.94 -1.24
N ASN B 215 11.18 -25.95 -2.57
CA ASN B 215 9.98 -26.18 -3.37
C ASN B 215 9.47 -27.61 -3.24
N ASN B 216 10.37 -28.56 -2.93
CA ASN B 216 9.92 -29.93 -2.66
C ASN B 216 8.99 -29.97 -1.46
N VAL B 217 9.43 -29.42 -0.32
CA VAL B 217 8.58 -29.34 0.85
C VAL B 217 7.36 -28.47 0.56
N SER B 218 7.50 -27.46 -0.30
CA SER B 218 6.38 -26.60 -0.64
C SER B 218 5.24 -27.39 -1.29
N TYR B 219 5.57 -28.18 -2.32
CA TYR B 219 4.51 -28.93 -2.98
C TYR B 219 4.06 -30.12 -2.12
N GLN B 220 4.95 -30.67 -1.30
CA GLN B 220 4.53 -31.72 -0.37
C GLN B 220 3.51 -31.20 0.63
N GLN B 221 3.64 -29.94 1.04
CA GLN B 221 2.64 -29.32 1.90
C GLN B 221 1.41 -28.88 1.12
N HIS B 222 1.59 -28.50 -0.14
CA HIS B 222 0.43 -28.17 -0.99
C HIS B 222 -0.45 -29.39 -1.20
N ILE B 223 0.13 -30.58 -1.21
CA ILE B 223 -0.67 -31.81 -1.27
C ILE B 223 -1.62 -31.89 -0.09
N ALA B 224 -1.08 -31.68 1.12
CA ALA B 224 -1.94 -31.68 2.30
C ALA B 224 -2.93 -30.52 2.28
N ILE B 225 -2.52 -29.39 1.71
CA ILE B 225 -3.41 -28.23 1.62
C ILE B 225 -4.62 -28.56 0.76
N VAL B 226 -4.40 -29.13 -0.43
CA VAL B 226 -5.52 -29.47 -1.30
C VAL B 226 -6.34 -30.62 -0.70
N ASP B 227 -5.69 -31.53 0.04
CA ASP B 227 -6.44 -32.58 0.71
C ASP B 227 -7.40 -31.98 1.74
N ALA B 228 -6.91 -31.04 2.54
CA ALA B 228 -7.76 -30.38 3.53
C ALA B 228 -8.83 -29.53 2.86
N ILE B 229 -8.53 -28.93 1.71
CA ILE B 229 -9.54 -28.17 0.98
C ILE B 229 -10.65 -29.10 0.50
N ARG B 230 -10.29 -30.28 -0.02
CA ARG B 230 -11.30 -31.24 -0.44
C ARG B 230 -12.11 -31.74 0.76
N ARG B 231 -11.45 -31.94 1.90
CA ARG B 231 -12.13 -32.42 3.10
C ARG B 231 -12.85 -31.30 3.85
N HIS B 232 -12.75 -30.06 3.39
CA HIS B 232 -13.40 -28.91 4.01
C HIS B 232 -12.92 -28.72 5.45
N ASP B 233 -11.61 -28.50 5.58
CA ASP B 233 -10.97 -28.27 6.87
C ASP B 233 -9.96 -27.14 6.72
N PRO B 234 -10.34 -25.90 7.03
CA PRO B 234 -9.40 -24.78 6.85
C PRO B 234 -8.31 -24.72 7.91
N ASP B 235 -8.46 -25.42 9.03
CA ASP B 235 -7.46 -25.37 10.09
C ASP B 235 -6.17 -26.06 9.66
N GLU B 236 -6.29 -27.24 9.05
CA GLU B 236 -5.10 -27.97 8.61
C GLU B 236 -4.37 -27.21 7.51
N ALA B 237 -5.11 -26.56 6.61
CA ALA B 237 -4.47 -25.76 5.57
C ALA B 237 -3.69 -24.60 6.17
N ASP B 238 -4.28 -23.92 7.16
CA ASP B 238 -3.59 -22.81 7.81
C ASP B 238 -2.35 -23.31 8.56
N ARG B 239 -2.45 -24.46 9.21
CA ARG B 239 -1.29 -25.02 9.90
C ARG B 239 -0.17 -25.38 8.92
N ALA B 240 -0.54 -25.98 7.79
CA ALA B 240 0.47 -26.31 6.78
C ALA B 240 1.11 -25.06 6.21
N LEU B 241 0.32 -24.01 5.99
CA LEU B 241 0.87 -22.76 5.48
C LEU B 241 1.81 -22.12 6.49
N GLN B 242 1.45 -22.15 7.77
CA GLN B 242 2.34 -21.62 8.80
C GLN B 242 3.64 -22.41 8.88
N SER B 243 3.55 -23.74 8.78
CA SER B 243 4.75 -24.57 8.80
C SER B 243 5.63 -24.29 7.59
N HIS B 244 5.02 -24.09 6.42
CA HIS B 244 5.79 -23.77 5.22
C HIS B 244 6.49 -22.43 5.37
N LEU B 245 5.79 -21.43 5.91
CA LEU B 245 6.42 -20.13 6.11
C LEU B 245 7.52 -20.18 7.14
N ASN B 246 7.36 -21.01 8.18
CA ASN B 246 8.41 -21.14 9.20
C ASN B 246 9.60 -21.91 8.67
N SER B 247 9.39 -22.83 7.73
CA SER B 247 10.49 -23.59 7.16
C SER B 247 11.43 -22.72 6.32
N VAL B 248 10.95 -21.59 5.82
CA VAL B 248 11.74 -20.66 5.02
C VAL B 248 12.38 -21.37 3.82
#